data_5X8B
#
_entry.id   5X8B
#
_cell.length_a   47.058
_cell.length_b   47.467
_cell.length_c   152.453
_cell.angle_alpha   90.00
_cell.angle_beta   90.00
_cell.angle_gamma   90.00
#
_symmetry.space_group_name_H-M   'P 21 21 21'
#
loop_
_entity.id
_entity.type
_entity.pdbx_description
1 polymer 'Thymidylate kinase'
2 non-polymer "ADENOSINE-5'-TRIPHOSPHATE"
3 non-polymer "THYMIDINE-5'-PHOSPHATE"
4 non-polymer 'MAGNESIUM ION'
5 non-polymer "ADENOSINE-5'-DIPHOSPHATE"
6 water water
#
_entity_poly.entity_id   1
_entity_poly.type   'polypeptide(L)'
_entity_poly.pdbx_seq_one_letter_code
;MPGLFLTLEGLDGSGKTTQARRLAAFLEAQGRPVLLTREPGGGLPEVRSLLLTQELSPEAEYLLFSADRAEHVRKVILPG
LAAGKVVISDRYLDSSLAYQGYGRGLPLPWLREVAREATRGLKPRLTFLLDLPPEAALRRVRRPDRLEGLGLEFFRRVRE
GYLALARAEPGRFVVLDATLPEEEIARAIQAHLRPLLP
;
_entity_poly.pdbx_strand_id   A,B
#
# COMPACT_ATOMS: atom_id res chain seq x y z
N PRO A 2 -19.40 10.97 18.89
CA PRO A 2 -18.70 12.16 18.40
C PRO A 2 -17.19 11.99 18.51
N GLY A 3 -16.68 11.98 19.74
CA GLY A 3 -15.28 11.74 19.98
C GLY A 3 -14.43 12.92 19.63
N LEU A 4 -13.14 12.78 19.93
CA LEU A 4 -12.12 13.79 19.61
C LEU A 4 -10.86 13.09 19.18
N PHE A 5 -10.32 13.47 18.01
CA PHE A 5 -9.15 12.81 17.44
C PHE A 5 -7.95 13.74 17.57
N LEU A 6 -6.92 13.27 18.28
CA LEU A 6 -5.70 14.07 18.47
C LEU A 6 -4.50 13.23 18.03
N THR A 7 -3.48 13.89 17.49
CA THR A 7 -2.23 13.21 17.13
C THR A 7 -1.01 13.92 17.66
N LEU A 8 0.06 13.12 17.80
CA LEU A 8 1.40 13.60 18.13
C LEU A 8 2.30 13.30 16.93
N GLU A 9 3.15 14.28 16.63
CA GLU A 9 4.06 14.22 15.51
C GLU A 9 5.42 14.78 15.89
N GLY A 10 6.44 14.42 15.09
CA GLY A 10 7.80 14.91 15.26
C GLY A 10 8.83 13.89 14.84
N LEU A 11 10.09 14.33 14.78
CA LEU A 11 11.19 13.45 14.41
C LEU A 11 11.33 12.34 15.42
N ASP A 12 12.04 11.31 14.99
CA ASP A 12 12.48 10.28 15.89
C ASP A 12 13.17 10.93 17.10
N GLY A 13 12.75 10.52 18.29
CA GLY A 13 13.36 10.99 19.53
C GLY A 13 12.89 12.36 20.03
N SER A 14 11.81 12.89 19.46
CA SER A 14 11.32 14.22 19.79
C SER A 14 10.42 14.28 21.01
N GLY A 15 10.07 13.12 21.61
CA GLY A 15 9.23 13.09 22.80
C GLY A 15 7.77 12.75 22.55
N LYS A 16 7.45 12.27 21.33
CA LYS A 16 6.04 11.94 21.02
C LYS A 16 5.40 10.98 21.97
N THR A 17 6.04 9.83 22.16
CA THR A 17 5.50 8.77 23.01
C THR A 17 5.38 9.26 24.43
N THR A 18 6.39 9.99 24.91
CA THR A 18 6.34 10.57 26.25
C THR A 18 5.09 11.43 26.42
N GLN A 19 4.86 12.35 25.48
CA GLN A 19 3.73 13.26 25.60
C GLN A 19 2.39 12.57 25.33
N ALA A 20 2.35 11.59 24.43
CA ALA A 20 1.07 10.91 24.13
C ALA A 20 0.58 10.18 25.37
N ARG A 21 1.50 9.54 26.07
CA ARG A 21 1.19 8.77 27.25
C ARG A 21 0.81 9.66 28.42
N ARG A 22 1.52 10.77 28.59
CA ARG A 22 1.16 11.73 29.62
C ARG A 22 -0.21 12.31 29.35
N LEU A 23 -0.52 12.57 28.06
CA LEU A 23 -1.82 13.15 27.71
C LEU A 23 -2.94 12.14 27.98
N ALA A 24 -2.74 10.88 27.60
CA ALA A 24 -3.74 9.85 27.85
C ALA A 24 -4.07 9.73 29.33
N ALA A 25 -3.02 9.64 30.16
CA ALA A 25 -3.22 9.56 31.59
C ALA A 25 -3.92 10.80 32.16
N PHE A 26 -3.53 11.97 31.67
CA PHE A 26 -4.16 13.22 32.10
C PHE A 26 -5.67 13.25 31.84
N LEU A 27 -6.03 12.85 30.65
CA LEU A 27 -7.43 12.85 30.28
C LEU A 27 -8.20 11.73 31.00
N GLU A 28 -7.57 10.56 31.18
CA GLU A 28 -8.19 9.47 31.95
C GLU A 28 -8.46 9.91 33.40
N ALA A 29 -7.54 10.68 33.98
CA ALA A 29 -7.71 11.22 35.34
C ALA A 29 -8.87 12.21 35.46
N GLN A 30 -9.22 12.86 34.35
CA GLN A 30 -10.43 13.70 34.31
C GLN A 30 -11.71 12.88 34.10
N GLY A 31 -11.60 11.55 34.01
CA GLY A 31 -12.78 10.67 33.85
C GLY A 31 -13.24 10.51 32.40
N ARG A 32 -12.40 10.93 31.45
CA ARG A 32 -12.74 10.85 30.03
C ARG A 32 -12.35 9.51 29.48
N PRO A 33 -13.23 8.91 28.68
CA PRO A 33 -12.80 7.73 27.97
C PRO A 33 -11.74 8.08 26.91
N VAL A 34 -10.62 7.35 26.96
CA VAL A 34 -9.46 7.57 26.08
C VAL A 34 -9.01 6.28 25.42
N LEU A 35 -8.62 6.39 24.16
CA LEU A 35 -7.97 5.30 23.44
C LEU A 35 -6.62 5.82 22.92
N LEU A 36 -5.53 5.22 23.40
CA LEU A 36 -4.17 5.55 22.99
C LEU A 36 -3.74 4.51 21.98
N THR A 37 -3.27 4.97 20.83
CA THR A 37 -2.81 4.09 19.76
C THR A 37 -1.59 4.72 19.06
N ARG A 38 -1.09 4.05 18.04
CA ARG A 38 0.15 4.45 17.40
CA ARG A 38 0.13 4.50 17.37
C ARG A 38 0.26 3.93 15.99
N GLU A 39 1.10 4.60 15.21
CA GLU A 39 1.55 4.11 13.90
C GLU A 39 3.08 4.14 13.88
N PRO A 40 3.72 3.19 13.21
CA PRO A 40 3.09 2.07 12.55
C PRO A 40 2.71 0.96 13.52
N GLY A 41 1.68 0.21 13.17
CA GLY A 41 1.33 -1.04 13.83
C GLY A 41 -0.02 -1.05 14.49
N GLY A 42 -0.67 0.10 14.66
CA GLY A 42 -2.00 0.14 15.26
C GLY A 42 -3.05 -0.57 14.43
N GLY A 43 -2.81 -0.67 13.12
CA GLY A 43 -3.73 -1.31 12.20
C GLY A 43 -3.32 -2.75 11.93
N LEU A 44 -2.09 -2.93 11.47
CA LEU A 44 -1.53 -4.21 11.09
C LEU A 44 -0.19 -4.34 11.83
N PRO A 45 -0.17 -5.00 13.01
CA PRO A 45 1.07 -5.04 13.78
C PRO A 45 2.25 -5.58 12.97
N GLU A 46 1.98 -6.52 12.07
CA GLU A 46 3.05 -7.14 11.26
C GLU A 46 3.67 -6.21 10.20
N VAL A 47 3.07 -5.05 9.97
CA VAL A 47 3.71 -4.06 9.08
C VAL A 47 5.10 -3.63 9.59
N ARG A 48 5.32 -3.71 10.90
CA ARG A 48 6.60 -3.30 11.45
CA ARG A 48 6.59 -3.31 11.47
C ARG A 48 7.73 -4.21 10.92
N SER A 49 7.44 -5.50 10.74
CA SER A 49 8.39 -6.40 10.12
C SER A 49 8.65 -6.03 8.65
N LEU A 50 7.58 -5.78 7.91
CA LEU A 50 7.69 -5.43 6.50
C LEU A 50 8.49 -4.12 6.30
N LEU A 51 8.29 -3.17 7.19
CA LEU A 51 8.95 -1.86 7.06
C LEU A 51 10.46 -1.91 7.26
N LEU A 52 10.96 -2.98 7.90
CA LEU A 52 12.40 -3.15 8.12
C LEU A 52 13.11 -3.72 6.89
N THR A 53 12.35 -4.12 5.86
CA THR A 53 12.94 -4.78 4.71
C THR A 53 14.04 -3.92 4.11
N GLN A 54 15.18 -4.53 3.84
CA GLN A 54 16.30 -3.76 3.29
C GLN A 54 16.02 -3.20 1.89
N GLU A 55 16.52 -1.98 1.63
CA GLU A 55 16.52 -1.38 0.29
C GLU A 55 15.11 -1.16 -0.30
N LEU A 56 14.10 -0.98 0.55
CA LEU A 56 12.78 -0.63 0.08
C LEU A 56 12.75 0.64 -0.72
N SER A 57 12.03 0.60 -1.84
CA SER A 57 11.72 1.83 -2.54
C SER A 57 10.85 2.72 -1.68
N PRO A 58 10.99 4.04 -1.84
CA PRO A 58 10.14 4.90 -1.01
C PRO A 58 8.64 4.67 -1.28
N GLU A 59 8.29 4.36 -2.54
CA GLU A 59 6.91 4.06 -2.88
C GLU A 59 6.40 2.87 -2.08
N ALA A 60 7.18 1.78 -2.08
CA ALA A 60 6.77 0.59 -1.31
C ALA A 60 6.69 0.92 0.19
N GLU A 61 7.64 1.71 0.68
CA GLU A 61 7.63 2.12 2.09
C GLU A 61 6.31 2.84 2.45
N TYR A 62 5.93 3.82 1.63
CA TYR A 62 4.68 4.54 1.88
C TYR A 62 3.47 3.63 1.77
N LEU A 63 3.47 2.73 0.79
CA LEU A 63 2.33 1.86 0.63
C LEU A 63 2.12 0.93 1.83
N LEU A 64 3.22 0.49 2.43
CA LEU A 64 3.14 -0.29 3.66
C LEU A 64 2.58 0.54 4.82
N PHE A 65 3.10 1.75 5.03
CA PHE A 65 2.51 2.61 6.06
C PHE A 65 1.02 2.83 5.79
N SER A 66 0.68 2.98 4.52
CA SER A 66 -0.73 3.25 4.15
C SER A 66 -1.63 2.06 4.41
N ALA A 67 -1.12 0.86 4.19
CA ALA A 67 -1.91 -0.34 4.47
C ALA A 67 -2.25 -0.44 5.95
N ASP A 68 -1.23 -0.26 6.78
CA ASP A 68 -1.44 -0.20 8.22
C ASP A 68 -2.43 0.91 8.61
N ARG A 69 -2.24 2.08 8.03
CA ARG A 69 -3.12 3.23 8.30
C ARG A 69 -4.59 2.95 7.95
N ALA A 70 -4.81 2.29 6.81
CA ALA A 70 -6.17 1.96 6.39
C ALA A 70 -6.84 1.05 7.41
N GLU A 71 -6.12 0.03 7.84
CA GLU A 71 -6.69 -0.88 8.86
C GLU A 71 -6.90 -0.16 10.20
N HIS A 72 -5.94 0.70 10.52
CA HIS A 72 -5.97 1.43 11.76
C HIS A 72 -7.19 2.32 11.88
N VAL A 73 -7.46 3.08 10.82
CA VAL A 73 -8.60 3.98 10.79
C VAL A 73 -9.91 3.19 10.89
N ARG A 74 -10.03 2.12 10.10
CA ARG A 74 -11.29 1.37 10.06
C ARG A 74 -11.59 0.59 11.32
N LYS A 75 -10.57 -0.06 11.87
CA LYS A 75 -10.80 -1.05 12.92
C LYS A 75 -10.58 -0.51 14.33
N VAL A 76 -9.84 0.59 14.45
CA VAL A 76 -9.46 1.14 15.74
C VAL A 76 -9.97 2.56 15.93
N ILE A 77 -9.56 3.48 15.06
CA ILE A 77 -9.82 4.89 15.31
C ILE A 77 -11.29 5.27 15.12
N LEU A 78 -11.87 4.99 13.97
CA LEU A 78 -13.27 5.35 13.75
C LEU A 78 -14.22 4.68 14.77
N PRO A 79 -14.02 3.39 15.08
CA PRO A 79 -14.86 2.82 16.14
C PRO A 79 -14.67 3.47 17.52
N GLY A 80 -13.45 3.89 17.84
CA GLY A 80 -13.20 4.60 19.09
C GLY A 80 -13.91 5.94 19.15
N LEU A 81 -13.80 6.70 18.07
CA LEU A 81 -14.45 7.99 17.97
C LEU A 81 -15.97 7.82 18.04
N ALA A 82 -16.48 6.78 17.38
CA ALA A 82 -17.92 6.53 17.39
C ALA A 82 -18.50 6.27 18.79
N ALA A 83 -17.68 5.71 19.68
CA ALA A 83 -18.05 5.48 21.08
C ALA A 83 -17.83 6.70 21.95
N GLY A 84 -17.41 7.82 21.36
CA GLY A 84 -17.20 9.07 22.07
C GLY A 84 -15.88 9.20 22.79
N LYS A 85 -14.90 8.36 22.43
CA LYS A 85 -13.58 8.43 23.06
C LYS A 85 -12.75 9.56 22.50
N VAL A 86 -11.84 10.06 23.33
CA VAL A 86 -10.71 10.81 22.85
C VAL A 86 -9.70 9.78 22.35
N VAL A 87 -9.43 9.80 21.04
CA VAL A 87 -8.46 8.90 20.42
C VAL A 87 -7.20 9.69 20.17
N ILE A 88 -6.08 9.21 20.73
CA ILE A 88 -4.77 9.84 20.59
C ILE A 88 -3.90 8.88 19.81
N SER A 89 -3.42 9.30 18.63
CA SER A 89 -2.46 8.49 17.91
C SER A 89 -1.07 9.11 17.94
N ASP A 90 -0.13 8.29 18.39
CA ASP A 90 1.31 8.59 18.37
C ASP A 90 1.77 8.26 16.95
N ARG A 91 1.82 9.33 16.12
CA ARG A 91 2.00 9.34 14.68
C ARG A 91 0.71 9.02 13.91
N TYR A 92 0.55 9.75 12.81
CA TYR A 92 -0.58 9.55 11.88
C TYR A 92 -0.10 9.96 10.47
N LEU A 93 -1.02 10.35 9.59
CA LEU A 93 -0.67 10.66 8.21
C LEU A 93 0.44 11.66 8.03
N ASP A 94 0.48 12.68 8.88
CA ASP A 94 1.53 13.66 8.73
C ASP A 94 2.94 13.07 8.78
N SER A 95 3.11 11.97 9.53
CA SER A 95 4.40 11.29 9.53
C SER A 95 4.78 10.84 8.12
N SER A 96 3.84 10.29 7.36
CA SER A 96 4.15 9.91 5.97
C SER A 96 4.43 11.12 5.12
N LEU A 97 3.67 12.18 5.30
CA LEU A 97 3.91 13.36 4.49
C LEU A 97 5.30 13.93 4.71
N ALA A 98 5.73 13.97 5.98
CA ALA A 98 7.04 14.51 6.33
C ALA A 98 8.17 13.55 5.93
N TYR A 99 8.02 12.27 6.27
CA TYR A 99 9.10 11.30 6.03
C TYR A 99 9.16 10.83 4.57
N GLN A 100 8.05 10.33 4.05
CA GLN A 100 8.02 9.85 2.66
C GLN A 100 7.92 10.96 1.62
N GLY A 101 7.27 12.07 1.97
CA GLY A 101 7.14 13.21 1.10
C GLY A 101 8.39 14.08 1.13
N TYR A 102 8.52 14.87 2.18
CA TYR A 102 9.64 15.77 2.24
C TYR A 102 10.98 15.01 2.38
N GLY A 103 11.02 13.93 3.18
CA GLY A 103 12.29 13.19 3.37
C GLY A 103 12.69 12.41 2.13
N ARG A 104 11.83 11.50 1.66
CA ARG A 104 12.15 10.64 0.52
C ARG A 104 11.89 11.24 -0.84
N GLY A 105 11.14 12.33 -0.91
CA GLY A 105 10.87 13.02 -2.19
C GLY A 105 9.64 12.55 -2.93
N LEU A 106 8.75 11.77 -2.31
CA LEU A 106 7.54 11.36 -3.02
C LEU A 106 6.58 12.52 -3.16
N PRO A 107 5.82 12.57 -4.26
CA PRO A 107 4.92 13.67 -4.53
C PRO A 107 3.75 13.75 -3.54
N LEU A 108 3.62 14.89 -2.84
CA LEU A 108 2.58 15.07 -1.85
C LEU A 108 1.16 14.80 -2.37
N PRO A 109 0.83 15.25 -3.59
CA PRO A 109 -0.55 14.98 -4.03
C PRO A 109 -0.85 13.49 -4.16
N TRP A 110 0.14 12.71 -4.59
CA TRP A 110 -0.07 11.26 -4.70
C TRP A 110 -0.24 10.69 -3.30
N LEU A 111 0.61 11.13 -2.35
CA LEU A 111 0.45 10.66 -0.99
C LEU A 111 -0.96 10.91 -0.46
N ARG A 112 -1.46 12.11 -0.73
CA ARG A 112 -2.79 12.50 -0.29
C ARG A 112 -3.90 11.71 -1.01
N GLU A 113 -3.72 11.39 -2.29
CA GLU A 113 -4.73 10.62 -2.99
C GLU A 113 -4.80 9.20 -2.44
N VAL A 114 -3.65 8.59 -2.20
CA VAL A 114 -3.63 7.27 -1.57
C VAL A 114 -4.38 7.34 -0.24
N ALA A 115 -4.04 8.36 0.56
CA ALA A 115 -4.55 8.51 1.89
C ALA A 115 -6.06 8.75 1.97
N ARG A 116 -6.60 9.41 0.96
CA ARG A 116 -8.02 9.79 0.97
C ARG A 116 -8.93 8.57 1.19
N GLU A 117 -8.62 7.44 0.53
CA GLU A 117 -9.34 6.17 0.74
C GLU A 117 -8.87 5.45 2.02
N ALA A 118 -7.54 5.48 2.22
CA ALA A 118 -6.92 4.85 3.37
C ALA A 118 -7.49 5.41 4.67
N THR A 119 -7.59 6.74 4.77
CA THR A 119 -8.05 7.38 6.01
C THR A 119 -9.56 7.66 5.98
N ARG A 120 -10.24 7.38 4.88
CA ARG A 120 -11.65 7.83 4.68
C ARG A 120 -11.81 9.33 4.98
N GLY A 121 -10.76 10.12 4.73
CA GLY A 121 -10.76 11.57 5.00
C GLY A 121 -10.65 12.03 6.45
N LEU A 122 -10.40 11.09 7.37
CA LEU A 122 -10.40 11.42 8.78
C LEU A 122 -9.16 12.23 9.11
N LYS A 123 -9.37 13.40 9.73
CA LYS A 123 -8.31 14.31 10.08
C LYS A 123 -8.37 14.57 11.57
N PRO A 124 -7.22 14.67 12.22
CA PRO A 124 -7.24 15.07 13.61
C PRO A 124 -7.75 16.50 13.82
N ARG A 125 -8.41 16.73 14.96
CA ARG A 125 -8.79 18.10 15.35
C ARG A 125 -7.57 18.97 15.69
N LEU A 126 -6.62 18.37 16.40
CA LEU A 126 -5.34 19.03 16.71
C LEU A 126 -4.23 18.01 16.57
N THR A 127 -3.09 18.51 16.10
CA THR A 127 -1.85 17.74 15.94
C THR A 127 -0.75 18.50 16.67
N PHE A 128 -0.19 17.86 17.69
CA PHE A 128 0.89 18.45 18.47
C PHE A 128 2.20 18.02 17.85
N LEU A 129 2.87 18.99 17.23
CA LEU A 129 4.17 18.78 16.60
C LEU A 129 5.27 19.15 17.56
N LEU A 130 6.06 18.18 17.96
CA LEU A 130 7.23 18.40 18.81
C LEU A 130 8.39 18.65 17.89
N ASP A 131 8.78 19.91 17.77
CA ASP A 131 9.81 20.34 16.83
C ASP A 131 11.19 20.13 17.45
N LEU A 132 11.97 19.21 16.89
CA LEU A 132 13.27 18.81 17.43
C LEU A 132 14.35 19.15 16.44
N PRO A 133 15.50 19.72 16.87
CA PRO A 133 16.59 19.92 15.92
C PRO A 133 17.00 18.57 15.27
N PRO A 134 17.31 18.59 13.97
CA PRO A 134 17.48 17.34 13.23
C PRO A 134 18.64 16.50 13.75
N GLU A 135 19.71 17.15 14.21
CA GLU A 135 20.86 16.43 14.73
C GLU A 135 20.60 15.66 16.03
N ALA A 136 19.50 16.01 16.72
CA ALA A 136 19.07 15.33 17.93
C ALA A 136 18.22 14.10 17.65
N ALA A 137 17.81 13.88 16.39
CA ALA A 137 17.00 12.69 16.04
C ALA A 137 17.87 11.47 16.01
N LEU A 138 17.32 10.34 16.46
CA LEU A 138 18.09 9.09 16.63
C LEU A 138 17.21 7.94 17.10
N LEU A 147 13.85 1.80 9.21
CA LEU A 147 14.05 2.41 7.90
C LEU A 147 15.52 2.73 7.62
N GLU A 148 15.89 2.78 6.33
CA GLU A 148 17.28 3.01 5.93
C GLU A 148 17.49 4.46 5.51
N GLY A 149 18.74 4.90 5.58
CA GLY A 149 19.18 6.24 5.16
C GLY A 149 18.61 7.39 6.02
N LEU A 150 18.37 7.12 7.30
CA LEU A 150 17.88 8.16 8.21
C LEU A 150 19.10 8.86 8.80
N GLY A 151 19.79 9.63 7.93
CA GLY A 151 20.92 10.46 8.28
C GLY A 151 20.53 11.93 8.46
N LEU A 152 21.53 12.78 8.59
CA LEU A 152 21.31 14.18 8.92
C LEU A 152 20.58 14.96 7.80
N GLU A 153 20.97 14.72 6.55
CA GLU A 153 20.36 15.40 5.41
C GLU A 153 18.86 15.07 5.35
N PHE A 154 18.56 13.78 5.54
CA PHE A 154 17.18 13.32 5.58
C PHE A 154 16.40 13.99 6.72
N PHE A 155 16.96 13.95 7.93
CA PHE A 155 16.27 14.55 9.06
C PHE A 155 16.07 16.04 8.94
N ARG A 156 16.99 16.75 8.31
CA ARG A 156 16.76 18.18 8.08
C ARG A 156 15.55 18.37 7.15
N ARG A 157 15.46 17.55 6.09
CA ARG A 157 14.32 17.65 5.19
C ARG A 157 13.01 17.33 5.92
N VAL A 158 13.03 16.30 6.77
CA VAL A 158 11.81 15.91 7.46
C VAL A 158 11.40 16.99 8.47
N ARG A 159 12.40 17.51 9.20
CA ARG A 159 12.11 18.54 10.18
C ARG A 159 11.46 19.75 9.53
N GLU A 160 12.07 20.25 8.46
CA GLU A 160 11.51 21.40 7.75
C GLU A 160 10.17 21.07 7.09
N GLY A 161 10.01 19.84 6.62
CA GLY A 161 8.73 19.38 6.10
C GLY A 161 7.59 19.48 7.09
N TYR A 162 7.84 18.98 8.29
CA TYR A 162 6.86 19.11 9.34
C TYR A 162 6.49 20.57 9.60
N LEU A 163 7.51 21.45 9.62
CA LEU A 163 7.22 22.87 9.83
C LEU A 163 6.39 23.46 8.69
N ALA A 164 6.67 23.02 7.47
CA ALA A 164 5.84 23.43 6.31
C ALA A 164 4.41 22.95 6.43
N LEU A 165 4.21 21.70 6.85
CA LEU A 165 2.86 21.20 7.02
C LEU A 165 2.13 22.03 8.07
N ALA A 166 2.83 22.39 9.16
CA ALA A 166 2.22 23.20 10.22
C ALA A 166 1.85 24.59 9.76
N ARG A 167 2.72 25.21 8.95
CA ARG A 167 2.37 26.55 8.41
C ARG A 167 1.19 26.47 7.45
N ALA A 168 1.06 25.34 6.74
CA ALA A 168 -0.05 25.20 5.78
C ALA A 168 -1.41 25.00 6.46
N GLU A 169 -1.40 24.34 7.65
CA GLU A 169 -2.62 24.10 8.43
C GLU A 169 -2.46 24.62 9.84
N PRO A 170 -2.47 25.97 9.97
CA PRO A 170 -2.04 26.56 11.23
C PRO A 170 -3.04 26.44 12.36
N GLY A 171 -4.29 26.14 12.02
CA GLY A 171 -5.29 25.84 13.02
C GLY A 171 -5.22 24.43 13.59
N ARG A 172 -4.81 23.46 12.77
CA ARG A 172 -4.72 22.08 13.23
C ARG A 172 -3.43 21.81 14.02
N PHE A 173 -2.31 22.33 13.50
CA PHE A 173 -1.01 22.08 14.12
C PHE A 173 -0.76 23.03 15.28
N VAL A 174 -0.23 22.46 16.36
CA VAL A 174 0.30 23.22 17.49
C VAL A 174 1.79 22.84 17.54
N VAL A 175 2.66 23.82 17.27
CA VAL A 175 4.08 23.59 17.20
C VAL A 175 4.71 23.93 18.54
N LEU A 176 5.40 22.94 19.11
CA LEU A 176 6.03 23.06 20.42
C LEU A 176 7.52 22.75 20.34
N ASP A 177 8.31 23.47 21.11
CA ASP A 177 9.75 23.24 21.16
C ASP A 177 10.01 21.96 21.94
N ALA A 178 10.44 20.94 21.24
CA ALA A 178 10.67 19.61 21.84
C ALA A 178 11.75 19.56 22.90
N THR A 179 12.60 20.58 22.94
CA THR A 179 13.69 20.62 23.93
C THR A 179 13.28 21.26 25.25
N LEU A 180 12.06 21.81 25.35
CA LEU A 180 11.53 22.27 26.64
C LEU A 180 11.40 21.10 27.60
N PRO A 181 11.40 21.37 28.91
CA PRO A 181 11.12 20.32 29.88
C PRO A 181 9.79 19.60 29.62
N GLU A 182 9.76 18.30 29.88
CA GLU A 182 8.62 17.45 29.61
C GLU A 182 7.33 18.05 30.19
N GLU A 183 7.39 18.53 31.43
CA GLU A 183 6.21 18.98 32.15
C GLU A 183 5.70 20.32 31.56
N GLU A 184 6.60 21.13 31.01
CA GLU A 184 6.21 22.39 30.33
C GLU A 184 5.49 22.10 29.01
N ILE A 185 6.00 21.15 28.26
CA ILE A 185 5.31 20.73 27.03
C ILE A 185 3.94 20.17 27.35
N ALA A 186 3.84 19.34 28.39
CA ALA A 186 2.56 18.74 28.75
C ALA A 186 1.56 19.82 29.13
N ARG A 187 1.99 20.82 29.90
CA ARG A 187 1.07 21.89 30.30
C ARG A 187 0.60 22.67 29.06
N ALA A 188 1.48 22.83 28.07
CA ALA A 188 1.12 23.55 26.83
C ALA A 188 0.07 22.76 26.03
N ILE A 189 0.27 21.45 25.92
CA ILE A 189 -0.70 20.59 25.28
C ILE A 189 -2.06 20.70 25.99
N GLN A 190 -2.04 20.60 27.31
CA GLN A 190 -3.26 20.68 28.11
C GLN A 190 -4.00 21.98 27.91
N ALA A 191 -3.25 23.07 27.82
CA ALA A 191 -3.85 24.41 27.62
C ALA A 191 -4.58 24.50 26.28
N HIS A 192 -3.99 23.98 25.23
CA HIS A 192 -4.62 23.95 23.92
C HIS A 192 -5.90 23.09 23.90
N LEU A 193 -5.96 22.07 24.74
CA LEU A 193 -7.10 21.16 24.81
C LEU A 193 -8.27 21.62 25.65
N ARG A 194 -8.00 22.40 26.68
CA ARG A 194 -9.02 22.75 27.68
C ARG A 194 -10.32 23.29 27.07
N PRO A 195 -10.25 24.19 26.04
CA PRO A 195 -11.50 24.66 25.45
C PRO A 195 -12.28 23.62 24.63
N LEU A 196 -11.59 22.63 24.09
CA LEU A 196 -12.24 21.51 23.41
C LEU A 196 -12.83 20.40 24.32
N LEU A 197 -12.43 20.38 25.57
CA LEU A 197 -12.81 19.34 26.55
C LEU A 197 -13.12 20.01 27.91
N PRO A 198 -14.36 20.48 28.13
CA PRO A 198 -15.44 20.55 27.14
C PRO A 198 -15.31 21.77 26.22
N PRO B 2 15.98 -5.00 -26.20
CA PRO B 2 14.75 -4.22 -26.13
C PRO B 2 13.91 -4.50 -24.87
N GLY B 3 13.50 -5.75 -24.71
CA GLY B 3 12.64 -6.19 -23.63
C GLY B 3 11.18 -6.25 -24.09
N LEU B 4 10.45 -7.21 -23.55
CA LEU B 4 9.04 -7.38 -23.90
C LEU B 4 8.36 -7.86 -22.61
N PHE B 5 7.30 -7.18 -22.17
CA PHE B 5 6.60 -7.49 -20.91
C PHE B 5 5.25 -8.12 -21.23
N LEU B 6 5.05 -9.34 -20.73
CA LEU B 6 3.82 -10.11 -20.93
C LEU B 6 3.26 -10.54 -19.59
N THR B 7 1.94 -10.59 -19.48
CA THR B 7 1.32 -11.12 -18.26
C THR B 7 0.26 -12.17 -18.53
N LEU B 8 0.02 -13.01 -17.53
CA LEU B 8 -1.06 -13.97 -17.50
C LEU B 8 -1.98 -13.63 -16.34
N GLU B 9 -3.28 -13.73 -16.60
CA GLU B 9 -4.33 -13.38 -15.66
C GLU B 9 -5.44 -14.41 -15.73
N GLY B 10 -6.24 -14.42 -14.66
CA GLY B 10 -7.40 -15.32 -14.52
C GLY B 10 -7.60 -15.73 -13.10
N LEU B 11 -8.69 -16.48 -12.89
CA LEU B 11 -8.95 -17.03 -11.56
C LEU B 11 -7.84 -18.02 -11.18
N ASP B 12 -7.63 -18.20 -9.88
N ASP B 12 -7.60 -18.21 -9.90
CA ASP B 12 -6.88 -19.37 -9.38
CA ASP B 12 -6.74 -19.33 -9.52
C ASP B 12 -7.41 -20.66 -10.02
C ASP B 12 -7.38 -20.61 -10.08
N GLY B 13 -6.53 -21.50 -10.55
CA GLY B 13 -6.96 -22.72 -11.19
C GLY B 13 -7.33 -22.56 -12.64
N SER B 14 -7.01 -21.41 -13.25
CA SER B 14 -7.31 -21.21 -14.67
C SER B 14 -6.23 -21.66 -15.64
N GLY B 15 -5.09 -22.07 -15.09
CA GLY B 15 -3.94 -22.54 -15.87
C GLY B 15 -2.80 -21.54 -16.06
N LYS B 16 -2.75 -20.47 -15.25
CA LYS B 16 -1.73 -19.41 -15.38
CA LYS B 16 -1.72 -19.42 -15.37
C LYS B 16 -0.30 -19.92 -15.26
N THR B 17 0.00 -20.65 -14.20
CA THR B 17 1.36 -21.12 -13.96
C THR B 17 1.75 -22.08 -15.07
N THR B 18 0.80 -22.94 -15.47
CA THR B 18 1.04 -23.88 -16.52
C THR B 18 1.40 -23.14 -17.82
N GLN B 19 0.57 -22.17 -18.19
CA GLN B 19 0.80 -21.49 -19.46
C GLN B 19 2.01 -20.56 -19.40
N ALA B 20 2.29 -20.00 -18.23
CA ALA B 20 3.50 -19.22 -18.08
C ALA B 20 4.75 -20.09 -18.30
N ARG B 21 4.74 -21.28 -17.71
CA ARG B 21 5.81 -22.27 -17.88
C ARG B 21 6.00 -22.65 -19.34
N ARG B 22 4.88 -22.98 -20.00
CA ARG B 22 4.94 -23.37 -21.41
C ARG B 22 5.41 -22.24 -22.31
N LEU B 23 5.00 -21.01 -21.98
CA LEU B 23 5.43 -19.85 -22.76
C LEU B 23 6.94 -19.59 -22.62
N ALA B 24 7.43 -19.67 -21.40
CA ALA B 24 8.86 -19.51 -21.20
C ALA B 24 9.65 -20.61 -21.92
N ALA B 25 9.14 -21.84 -21.91
CA ALA B 25 9.79 -22.94 -22.63
C ALA B 25 9.84 -22.74 -24.14
N PHE B 26 8.75 -22.23 -24.70
CA PHE B 26 8.70 -21.89 -26.11
C PHE B 26 9.78 -20.84 -26.44
N LEU B 27 9.88 -19.82 -25.61
CA LEU B 27 10.84 -18.74 -25.84
C LEU B 27 12.27 -19.27 -25.69
N GLU B 28 12.49 -20.15 -24.73
CA GLU B 28 13.78 -20.76 -24.55
C GLU B 28 14.19 -21.57 -25.79
N ALA B 29 13.25 -22.31 -26.35
CA ALA B 29 13.49 -23.09 -27.57
C ALA B 29 13.88 -22.23 -28.77
N GLN B 30 13.44 -20.97 -28.77
CA GLN B 30 13.77 -19.99 -29.82
C GLN B 30 15.04 -19.22 -29.50
N GLY B 31 15.69 -19.55 -28.39
CA GLY B 31 16.88 -18.83 -27.98
C GLY B 31 16.71 -17.42 -27.48
N ARG B 32 15.53 -17.11 -26.97
CA ARG B 32 15.17 -15.78 -26.55
C ARG B 32 15.27 -15.72 -25.04
N PRO B 33 16.13 -14.85 -24.51
CA PRO B 33 16.23 -14.71 -23.05
C PRO B 33 14.87 -14.36 -22.41
N VAL B 34 14.54 -15.06 -21.33
CA VAL B 34 13.24 -14.99 -20.69
C VAL B 34 13.40 -15.04 -19.17
N LEU B 35 12.53 -14.27 -18.50
CA LEU B 35 12.45 -14.27 -17.04
C LEU B 35 11.01 -14.52 -16.65
N LEU B 36 10.78 -15.58 -15.86
CA LEU B 36 9.45 -15.87 -15.31
C LEU B 36 9.35 -15.34 -13.90
N THR B 37 8.25 -14.65 -13.60
CA THR B 37 8.04 -14.14 -12.24
C THR B 37 6.55 -14.21 -11.92
N ARG B 38 6.18 -13.78 -10.72
CA ARG B 38 4.79 -13.90 -10.28
C ARG B 38 4.46 -12.93 -9.18
N GLU B 39 3.18 -12.62 -9.08
CA GLU B 39 2.61 -11.90 -7.94
C GLU B 39 1.49 -12.72 -7.32
N PRO B 40 1.21 -12.57 -6.02
CA PRO B 40 1.99 -11.77 -5.09
C PRO B 40 3.29 -12.48 -4.69
N GLY B 41 4.21 -11.68 -4.20
CA GLY B 41 5.45 -12.18 -3.62
C GLY B 41 6.69 -11.96 -4.43
N GLY B 42 6.57 -11.55 -5.68
CA GLY B 42 7.76 -11.27 -6.50
C GLY B 42 8.59 -10.09 -6.04
N GLY B 43 7.94 -9.16 -5.33
CA GLY B 43 8.61 -8.01 -4.73
C GLY B 43 8.94 -8.22 -3.26
N LEU B 44 7.91 -8.53 -2.48
CA LEU B 44 8.03 -8.78 -1.03
C LEU B 44 7.41 -10.14 -0.72
N PRO B 45 8.23 -11.19 -0.65
CA PRO B 45 7.71 -12.51 -0.24
C PRO B 45 6.89 -12.49 1.05
N GLU B 46 7.26 -11.63 1.99
CA GLU B 46 6.58 -11.56 3.28
C GLU B 46 5.12 -11.04 3.15
N VAL B 47 4.82 -10.28 2.10
CA VAL B 47 3.44 -9.89 1.85
C VAL B 47 2.61 -11.12 1.50
N ARG B 48 3.14 -11.98 0.63
CA ARG B 48 2.42 -13.24 0.28
C ARG B 48 2.15 -14.11 1.51
N SER B 49 3.17 -14.31 2.32
CA SER B 49 3.02 -15.21 3.48
C SER B 49 2.13 -14.60 4.57
N LEU B 50 2.22 -13.29 4.80
CA LEU B 50 1.37 -12.61 5.76
C LEU B 50 -0.10 -12.78 5.40
N LEU B 51 -0.43 -12.52 4.12
CA LEU B 51 -1.83 -12.54 3.67
C LEU B 51 -2.41 -13.93 3.51
N LEU B 52 -1.56 -14.96 3.55
CA LEU B 52 -2.06 -16.33 3.68
C LEU B 52 -2.99 -16.53 4.87
N THR B 53 -2.64 -15.91 6.02
CA THR B 53 -3.35 -16.17 7.28
C THR B 53 -3.99 -14.94 7.91
N GLN B 54 -4.06 -13.83 7.17
CA GLN B 54 -4.72 -12.62 7.66
C GLN B 54 -5.83 -12.11 6.75
N GLU B 55 -6.92 -11.68 7.37
CA GLU B 55 -8.04 -11.05 6.70
C GLU B 55 -7.92 -9.56 6.98
N LEU B 56 -7.83 -8.76 5.94
CA LEU B 56 -7.75 -7.31 6.07
C LEU B 56 -8.88 -6.66 5.32
N SER B 57 -9.14 -5.39 5.61
CA SER B 57 -10.01 -4.58 4.76
C SER B 57 -9.51 -4.62 3.30
N PRO B 58 -10.41 -4.41 2.31
CA PRO B 58 -9.95 -4.41 0.93
C PRO B 58 -8.89 -3.34 0.66
N GLU B 59 -9.03 -2.18 1.29
CA GLU B 59 -8.07 -1.10 1.09
C GLU B 59 -6.68 -1.53 1.54
N ALA B 60 -6.59 -2.07 2.74
CA ALA B 60 -5.32 -2.51 3.24
C ALA B 60 -4.74 -3.63 2.42
N GLU B 61 -5.58 -4.58 2.01
CA GLU B 61 -5.11 -5.67 1.16
C GLU B 61 -4.49 -5.10 -0.13
N TYR B 62 -5.24 -4.24 -0.81
CA TYR B 62 -4.74 -3.63 -2.03
C TYR B 62 -3.44 -2.91 -1.79
N LEU B 63 -3.34 -2.17 -0.71
CA LEU B 63 -2.11 -1.40 -0.47
C LEU B 63 -0.89 -2.28 -0.21
N LEU B 64 -1.10 -3.42 0.46
CA LEU B 64 0.00 -4.39 0.63
C LEU B 64 0.40 -5.02 -0.71
N PHE B 65 -0.59 -5.40 -1.52
CA PHE B 65 -0.29 -5.92 -2.84
C PHE B 65 0.45 -4.90 -3.69
N SER B 66 0.08 -3.64 -3.51
CA SER B 66 0.72 -2.53 -4.22
CA SER B 66 0.72 -2.55 -4.22
C SER B 66 2.16 -2.32 -3.78
N ALA B 67 2.42 -2.45 -2.48
CA ALA B 67 3.83 -2.39 -1.98
C ALA B 67 4.69 -3.49 -2.60
N ASP B 68 4.16 -4.70 -2.58
CA ASP B 68 4.77 -5.85 -3.25
C ASP B 68 5.04 -5.54 -4.71
N ARG B 69 4.01 -5.06 -5.40
CA ARG B 69 4.13 -4.73 -6.81
C ARG B 69 5.18 -3.68 -7.09
N ALA B 70 5.22 -2.67 -6.23
CA ALA B 70 6.22 -1.60 -6.38
C ALA B 70 7.65 -2.15 -6.33
N GLU B 71 7.91 -3.02 -5.37
CA GLU B 71 9.22 -3.70 -5.29
C GLU B 71 9.47 -4.64 -6.49
N HIS B 72 8.42 -5.35 -6.87
CA HIS B 72 8.53 -6.27 -7.98
C HIS B 72 8.93 -5.56 -9.28
N VAL B 73 8.23 -4.46 -9.58
CA VAL B 73 8.53 -3.68 -10.76
C VAL B 73 9.99 -3.18 -10.74
N ARG B 74 10.39 -2.61 -9.62
CA ARG B 74 11.69 -1.93 -9.57
C ARG B 74 12.87 -2.91 -9.51
N LYS B 75 12.73 -3.99 -8.76
CA LYS B 75 13.84 -4.90 -8.45
CA LYS B 75 13.88 -4.85 -8.49
C LYS B 75 13.93 -6.09 -9.40
N VAL B 76 12.79 -6.46 -10.02
CA VAL B 76 12.77 -7.69 -10.83
C VAL B 76 12.40 -7.38 -12.27
N ILE B 77 11.24 -6.77 -12.50
CA ILE B 77 10.73 -6.61 -13.86
C ILE B 77 11.53 -5.60 -14.69
N LEU B 78 11.66 -4.37 -14.20
CA LEU B 78 12.38 -3.35 -14.97
C LEU B 78 13.82 -3.78 -15.27
N PRO B 79 14.53 -4.36 -14.29
CA PRO B 79 15.90 -4.81 -14.63
C PRO B 79 15.96 -5.93 -15.65
N GLY B 80 14.96 -6.81 -15.65
CA GLY B 80 14.90 -7.84 -16.66
C GLY B 80 14.65 -7.29 -18.05
N LEU B 81 13.71 -6.36 -18.13
CA LEU B 81 13.41 -5.67 -19.40
C LEU B 81 14.62 -4.88 -19.91
N ALA B 82 15.36 -4.26 -18.99
CA ALA B 82 16.51 -3.45 -19.34
C ALA B 82 17.63 -4.30 -19.97
N ALA B 83 17.69 -5.57 -19.58
CA ALA B 83 18.62 -6.53 -20.13
C ALA B 83 18.17 -7.12 -21.45
N GLY B 84 16.96 -6.77 -21.88
CA GLY B 84 16.42 -7.22 -23.14
C GLY B 84 15.65 -8.52 -23.04
N LYS B 85 15.34 -8.97 -21.82
CA LYS B 85 14.60 -10.21 -21.66
C LYS B 85 13.13 -10.02 -21.95
N VAL B 86 12.49 -11.12 -22.35
CA VAL B 86 11.03 -11.20 -22.28
C VAL B 86 10.71 -11.54 -20.82
N VAL B 87 10.00 -10.65 -20.14
CA VAL B 87 9.61 -10.89 -18.76
C VAL B 87 8.12 -11.26 -18.75
N ILE B 88 7.81 -12.38 -18.14
CA ILE B 88 6.45 -12.92 -18.05
C ILE B 88 6.06 -12.92 -16.58
N SER B 89 5.01 -12.17 -16.24
CA SER B 89 4.51 -12.23 -14.89
C SER B 89 3.17 -12.95 -14.80
N ASP B 90 3.13 -13.94 -13.94
CA ASP B 90 1.92 -14.68 -13.54
C ASP B 90 1.25 -13.79 -12.49
N ARG B 91 0.28 -13.02 -12.97
CA ARG B 91 -0.47 -11.94 -12.28
C ARG B 91 0.31 -10.62 -12.27
N TYR B 92 -0.44 -9.54 -12.43
CA TYR B 92 0.10 -8.20 -12.34
C TYR B 92 -1.03 -7.26 -11.88
N LEU B 93 -1.07 -6.00 -12.31
CA LEU B 93 -2.03 -5.03 -11.79
C LEU B 93 -3.47 -5.46 -12.01
N ASP B 94 -3.76 -6.05 -13.16
CA ASP B 94 -5.13 -6.46 -13.48
C ASP B 94 -5.69 -7.39 -12.40
N SER B 95 -4.84 -8.21 -11.77
CA SER B 95 -5.34 -9.05 -10.66
C SER B 95 -5.93 -8.20 -9.54
N SER B 96 -5.24 -7.12 -9.16
CA SER B 96 -5.79 -6.28 -8.10
C SER B 96 -7.09 -5.60 -8.57
N LEU B 97 -7.12 -5.15 -9.84
CA LEU B 97 -8.33 -4.50 -10.34
C LEU B 97 -9.52 -5.46 -10.31
N ALA B 98 -9.30 -6.71 -10.73
CA ALA B 98 -10.39 -7.71 -10.76
C ALA B 98 -10.81 -8.15 -9.36
N TYR B 99 -9.82 -8.44 -8.49
CA TYR B 99 -10.13 -8.98 -7.16
C TYR B 99 -10.51 -7.90 -6.17
N GLN B 100 -9.66 -6.89 -5.97
CA GLN B 100 -9.96 -5.85 -5.00
C GLN B 100 -10.96 -4.81 -5.54
N GLY B 101 -10.93 -4.57 -6.85
CA GLY B 101 -11.87 -3.64 -7.49
C GLY B 101 -13.23 -4.26 -7.74
N TYR B 102 -13.32 -5.09 -8.76
CA TYR B 102 -14.61 -5.69 -9.07
C TYR B 102 -15.09 -6.67 -8.03
N GLY B 103 -14.18 -7.43 -7.43
CA GLY B 103 -14.60 -8.39 -6.42
C GLY B 103 -15.01 -7.73 -5.12
N ARG B 104 -14.10 -6.97 -4.52
CA ARG B 104 -14.31 -6.41 -3.17
C ARG B 104 -14.83 -5.00 -3.17
N GLY B 105 -14.98 -4.39 -4.34
CA GLY B 105 -15.73 -3.14 -4.43
C GLY B 105 -14.95 -1.84 -4.43
N LEU B 106 -13.62 -1.89 -4.45
CA LEU B 106 -12.86 -0.64 -4.45
C LEU B 106 -13.00 0.08 -5.78
N PRO B 107 -13.01 1.41 -5.74
CA PRO B 107 -13.18 2.17 -6.98
C PRO B 107 -11.95 2.12 -7.88
N LEU B 108 -12.17 1.82 -9.16
CA LEU B 108 -11.06 1.63 -10.08
C LEU B 108 -10.23 2.87 -10.30
N PRO B 109 -10.83 4.09 -10.37
CA PRO B 109 -9.94 5.21 -10.61
C PRO B 109 -8.92 5.41 -9.49
N TRP B 110 -9.34 5.22 -8.24
CA TRP B 110 -8.42 5.26 -7.11
C TRP B 110 -7.36 4.18 -7.22
N LEU B 111 -7.78 2.95 -7.51
CA LEU B 111 -6.81 1.86 -7.69
C LEU B 111 -5.76 2.26 -8.71
N ARG B 112 -6.22 2.83 -9.82
CA ARG B 112 -5.31 3.22 -10.89
C ARG B 112 -4.37 4.38 -10.50
N GLU B 113 -4.87 5.35 -9.73
CA GLU B 113 -4.00 6.42 -9.24
C GLU B 113 -2.92 5.91 -8.28
N VAL B 114 -3.27 4.97 -7.40
CA VAL B 114 -2.26 4.36 -6.53
C VAL B 114 -1.23 3.65 -7.43
N ALA B 115 -1.70 2.86 -8.38
CA ALA B 115 -0.83 2.09 -9.24
C ALA B 115 0.10 2.94 -10.09
N ARG B 116 -0.34 4.15 -10.47
CA ARG B 116 0.46 4.97 -11.37
C ARG B 116 1.90 5.13 -10.85
N GLU B 117 2.07 5.37 -9.56
CA GLU B 117 3.44 5.45 -8.96
C GLU B 117 4.10 4.11 -8.58
N ALA B 118 3.18 3.23 -8.12
CA ALA B 118 3.62 1.90 -7.68
C ALA B 118 4.25 1.16 -8.84
N THR B 119 3.65 1.27 -10.03
CA THR B 119 4.17 0.56 -11.20
C THR B 119 5.13 1.37 -12.08
N ARG B 120 5.36 2.63 -11.75
CA ARG B 120 6.02 3.58 -12.66
C ARG B 120 5.39 3.63 -14.03
N GLY B 121 4.08 3.36 -14.09
CA GLY B 121 3.35 3.33 -15.34
C GLY B 121 3.67 2.15 -16.27
N LEU B 122 4.37 1.12 -15.78
CA LEU B 122 4.72 -0.02 -16.62
C LEU B 122 3.49 -0.87 -16.90
N LYS B 123 3.24 -1.09 -18.18
CA LYS B 123 2.08 -1.84 -18.64
C LYS B 123 2.55 -2.98 -19.53
N PRO B 124 1.94 -4.17 -19.41
CA PRO B 124 2.31 -5.24 -20.32
C PRO B 124 1.93 -4.93 -21.76
N ARG B 125 2.70 -5.47 -22.72
CA ARG B 125 2.35 -5.35 -24.11
C ARG B 125 1.13 -6.22 -24.46
N LEU B 126 1.10 -7.42 -23.89
CA LEU B 126 -0.03 -8.33 -24.06
C LEU B 126 -0.29 -8.99 -22.72
N THR B 127 -1.56 -9.27 -22.45
CA THR B 127 -2.04 -9.96 -21.28
C THR B 127 -2.96 -11.08 -21.73
N PHE B 128 -2.63 -12.30 -21.34
CA PHE B 128 -3.41 -13.47 -21.70
C PHE B 128 -4.33 -13.76 -20.53
N LEU B 129 -5.63 -13.60 -20.77
CA LEU B 129 -6.64 -13.89 -19.79
C LEU B 129 -7.20 -15.29 -20.03
N LEU B 130 -7.02 -16.16 -19.05
CA LEU B 130 -7.47 -17.53 -19.12
C LEU B 130 -8.86 -17.53 -18.48
N ASP B 131 -9.90 -17.53 -19.31
CA ASP B 131 -11.28 -17.34 -18.85
C ASP B 131 -11.99 -18.66 -18.65
N LEU B 132 -12.64 -18.80 -17.49
CA LEU B 132 -13.53 -19.94 -17.19
C LEU B 132 -14.46 -19.57 -16.03
N PRO B 133 -15.60 -20.27 -15.91
CA PRO B 133 -16.45 -20.04 -14.74
C PRO B 133 -15.77 -20.55 -13.47
N PRO B 134 -16.07 -19.95 -12.31
CA PRO B 134 -15.41 -20.40 -11.08
C PRO B 134 -15.55 -21.90 -10.80
N GLU B 135 -16.68 -22.49 -11.19
CA GLU B 135 -16.92 -23.92 -10.98
C GLU B 135 -16.06 -24.83 -11.85
N ALA B 136 -15.40 -24.25 -12.84
CA ALA B 136 -14.52 -25.00 -13.75
C ALA B 136 -13.04 -24.83 -13.37
N ALA B 137 -12.73 -23.95 -12.42
CA ALA B 137 -11.34 -23.77 -12.01
C ALA B 137 -10.79 -25.03 -11.41
N LEU B 138 -9.59 -25.42 -11.82
CA LEU B 138 -9.11 -26.76 -11.50
C LEU B 138 -8.34 -26.68 -10.20
N ARG B 139 -7.95 -27.82 -9.64
CA ARG B 139 -6.76 -27.78 -8.73
C ARG B 139 -6.02 -29.08 -8.57
N GLY B 149 -23.04 -22.59 -2.75
CA GLY B 149 -23.66 -21.57 -3.57
C GLY B 149 -23.07 -20.17 -3.31
N LEU B 150 -23.24 -19.67 -2.08
CA LEU B 150 -23.09 -18.20 -1.83
C LEU B 150 -21.66 -17.68 -2.01
N GLY B 151 -20.67 -18.49 -1.64
CA GLY B 151 -19.26 -18.15 -1.85
C GLY B 151 -18.85 -17.91 -3.31
N LEU B 152 -19.60 -18.49 -4.25
CA LEU B 152 -19.30 -18.35 -5.68
C LEU B 152 -19.61 -16.95 -6.20
N GLU B 153 -20.42 -16.18 -5.49
CA GLU B 153 -20.77 -14.84 -5.96
C GLU B 153 -19.54 -13.94 -6.11
N PHE B 154 -18.67 -13.97 -5.11
CA PHE B 154 -17.42 -13.20 -5.20
C PHE B 154 -16.65 -13.58 -6.45
N PHE B 155 -16.46 -14.87 -6.68
CA PHE B 155 -15.64 -15.32 -7.79
C PHE B 155 -16.26 -14.99 -9.14
N ARG B 156 -17.60 -14.97 -9.23
CA ARG B 156 -18.23 -14.53 -10.46
C ARG B 156 -18.00 -13.04 -10.66
N ARG B 157 -18.01 -12.22 -9.60
CA ARG B 157 -17.66 -10.79 -9.78
C ARG B 157 -16.25 -10.63 -10.31
N VAL B 158 -15.32 -11.44 -9.82
CA VAL B 158 -13.93 -11.34 -10.30
C VAL B 158 -13.86 -11.80 -11.77
N ARG B 159 -14.49 -12.91 -12.10
CA ARG B 159 -14.47 -13.41 -13.47
C ARG B 159 -15.04 -12.39 -14.43
N GLU B 160 -16.21 -11.85 -14.07
CA GLU B 160 -16.81 -10.81 -14.91
C GLU B 160 -15.98 -9.52 -14.96
N GLY B 161 -15.31 -9.18 -13.87
CA GLY B 161 -14.43 -8.04 -13.84
C GLY B 161 -13.28 -8.18 -14.81
N TYR B 162 -12.67 -9.36 -14.83
CA TYR B 162 -11.61 -9.61 -15.80
C TYR B 162 -12.14 -9.43 -17.24
N LEU B 163 -13.31 -9.98 -17.53
CA LEU B 163 -13.89 -9.83 -18.85
C LEU B 163 -14.18 -8.36 -19.19
N ALA B 164 -14.57 -7.59 -18.20
CA ALA B 164 -14.81 -6.15 -18.37
C ALA B 164 -13.51 -5.43 -18.69
N LEU B 165 -12.44 -5.77 -17.97
CA LEU B 165 -11.13 -5.20 -18.26
C LEU B 165 -10.70 -5.53 -19.67
N ALA B 166 -10.93 -6.78 -20.08
CA ALA B 166 -10.52 -7.21 -21.40
C ALA B 166 -11.25 -6.51 -22.51
N ARG B 167 -12.55 -6.30 -22.37
CA ARG B 167 -13.29 -5.67 -23.46
C ARG B 167 -13.02 -4.15 -23.50
N ALA B 168 -12.49 -3.56 -22.42
CA ALA B 168 -12.08 -2.17 -22.41
C ALA B 168 -10.73 -1.93 -23.12
N GLU B 169 -9.87 -2.97 -23.14
CA GLU B 169 -8.56 -2.89 -23.75
C GLU B 169 -8.29 -4.08 -24.67
N PRO B 170 -9.05 -4.16 -25.77
CA PRO B 170 -8.93 -5.31 -26.69
C PRO B 170 -7.60 -5.37 -27.44
N GLY B 171 -6.84 -4.28 -27.42
CA GLY B 171 -5.51 -4.29 -28.00
C GLY B 171 -4.40 -4.84 -27.10
N ARG B 172 -4.73 -5.00 -25.82
CA ARG B 172 -3.81 -5.56 -24.86
C ARG B 172 -4.18 -6.98 -24.43
N PHE B 173 -5.46 -7.23 -24.20
CA PHE B 173 -5.90 -8.54 -23.72
C PHE B 173 -6.11 -9.49 -24.89
N VAL B 174 -5.76 -10.73 -24.65
CA VAL B 174 -6.16 -11.84 -25.44
C VAL B 174 -6.90 -12.78 -24.50
N VAL B 175 -8.16 -13.07 -24.80
CA VAL B 175 -8.98 -13.88 -23.93
C VAL B 175 -9.05 -15.30 -24.53
N LEU B 176 -8.73 -16.30 -23.70
CA LEU B 176 -8.65 -17.69 -24.14
C LEU B 176 -9.59 -18.52 -23.29
N ASP B 177 -10.18 -19.55 -23.92
CA ASP B 177 -11.01 -20.51 -23.26
C ASP B 177 -10.12 -21.44 -22.45
N ALA B 178 -10.11 -21.25 -21.13
CA ALA B 178 -9.18 -21.94 -20.25
C ALA B 178 -9.51 -23.44 -20.07
N THR B 179 -10.69 -23.85 -20.51
CA THR B 179 -11.13 -25.24 -20.46
C THR B 179 -10.58 -26.08 -21.63
N LEU B 180 -9.96 -25.46 -22.63
CA LEU B 180 -9.31 -26.21 -23.72
C LEU B 180 -8.12 -27.00 -23.19
N PRO B 181 -7.67 -28.01 -23.95
CA PRO B 181 -6.44 -28.72 -23.60
C PRO B 181 -5.24 -27.77 -23.50
N GLU B 182 -4.36 -28.05 -22.55
CA GLU B 182 -3.16 -27.24 -22.36
C GLU B 182 -2.37 -26.89 -23.60
N GLU B 183 -2.10 -27.89 -24.45
CA GLU B 183 -1.23 -27.68 -25.61
C GLU B 183 -1.89 -26.75 -26.61
N GLU B 184 -3.21 -26.84 -26.71
CA GLU B 184 -3.94 -25.99 -27.63
C GLU B 184 -3.94 -24.55 -27.17
N ILE B 185 -4.11 -24.33 -25.87
CA ILE B 185 -4.03 -22.97 -25.32
C ILE B 185 -2.62 -22.42 -25.58
N ALA B 186 -1.59 -23.23 -25.33
CA ALA B 186 -0.21 -22.79 -25.54
C ALA B 186 0.03 -22.40 -27.00
N ARG B 187 -0.47 -23.21 -27.94
CA ARG B 187 -0.34 -22.85 -29.34
C ARG B 187 -1.07 -21.55 -29.71
N ALA B 188 -2.21 -21.28 -29.07
CA ALA B 188 -2.92 -20.01 -29.30
C ALA B 188 -2.11 -18.83 -28.80
N ILE B 189 -1.51 -18.96 -27.62
CA ILE B 189 -0.64 -17.92 -27.06
C ILE B 189 0.55 -17.65 -27.99
N GLN B 190 1.16 -18.73 -28.48
CA GLN B 190 2.28 -18.57 -29.41
C GLN B 190 1.88 -17.84 -30.66
N ALA B 191 0.70 -18.13 -31.19
CA ALA B 191 0.25 -17.48 -32.44
C ALA B 191 0.04 -15.98 -32.24
N HIS B 192 -0.49 -15.59 -31.08
CA HIS B 192 -0.70 -14.16 -30.76
C HIS B 192 0.64 -13.46 -30.54
N LEU B 193 1.62 -14.19 -30.03
CA LEU B 193 2.88 -13.59 -29.65
C LEU B 193 3.84 -13.43 -30.83
N ARG B 194 3.83 -14.37 -31.77
CA ARG B 194 4.76 -14.34 -32.90
C ARG B 194 4.98 -13.02 -33.62
N PRO B 195 3.89 -12.29 -33.94
CA PRO B 195 4.13 -10.99 -34.59
C PRO B 195 4.96 -10.00 -33.77
N LEU B 196 4.97 -10.14 -32.44
CA LEU B 196 5.66 -9.19 -31.56
C LEU B 196 7.12 -9.47 -31.22
N LEU B 197 7.68 -10.62 -31.58
CA LEU B 197 9.09 -10.92 -31.25
C LEU B 197 10.06 -10.14 -32.14
#